data_4Q3J
#
_entry.id   4Q3J
#
_cell.length_a   45.205
_cell.length_b   67.480
_cell.length_c   81.688
_cell.angle_alpha   90.00
_cell.angle_beta   90.00
_cell.angle_gamma   90.00
#
_symmetry.space_group_name_H-M   'P 21 21 21'
#
loop_
_entity.id
_entity.type
_entity.pdbx_description
1 polymer 'NFkB-p65-degrading zinc protease family protein'
2 non-polymer 'ZINC ION'
3 non-polymer 'MAGNESIUM ION'
4 water water
#
_entity_poly.entity_id   1
_entity_poly.type   'polypeptide(L)'
_entity_poly.pdbx_seq_one_letter_code
;MKIPSLQSNFNFSAPAGYSAPIAPNRAENAYADYVLDIGKRIPLSAADLSNVYESVIRAVHDSRSRLIDQHTVDMIGNTV
LDALSRSQTFRDAVSYGIHNEKVHIGCIKYRNEYELNEESSVKIDDIQSLTCNELYEYDVGQEPIFPICEAGENDNEEPY
VSFSVAPDTDSYEMPSWQEGLIHEIIHHVTGSSDPSGDSNIELGPTEILARRVAQELGWSVPDFKGYAEPEREAHLRLRN
LNALRQAAMRHEENERAFFERLGTISDRYEASPDFTEYSAVSNIGYGFIQQHDFPGLAINDNLQDANQIQLYHGAPYIFT
FGDVDKHNQQPG
;
_entity_poly.pdbx_strand_id   A
#
loop_
_chem_comp.id
_chem_comp.type
_chem_comp.name
_chem_comp.formula
MG non-polymer 'MAGNESIUM ION' 'Mg 2'
ZN non-polymer 'ZINC ION' 'Zn 2'
#
# COMPACT_ATOMS: atom_id res chain seq x y z
N ILE A 22 -13.34 -11.72 -25.49
CA ILE A 22 -13.39 -12.32 -24.15
C ILE A 22 -12.10 -12.09 -23.37
N ALA A 23 -12.24 -11.40 -22.24
CA ALA A 23 -11.10 -11.11 -21.36
C ALA A 23 -10.64 -12.36 -20.62
N PRO A 24 -9.34 -12.42 -20.27
CA PRO A 24 -8.87 -13.44 -19.35
C PRO A 24 -9.56 -13.29 -17.99
N ASN A 25 -9.60 -14.38 -17.22
CA ASN A 25 -10.01 -14.27 -15.83
C ASN A 25 -9.09 -13.33 -15.04
N ARG A 26 -9.68 -12.59 -14.09
CA ARG A 26 -8.92 -11.58 -13.36
C ARG A 26 -7.75 -12.13 -12.55
N ALA A 27 -7.70 -13.44 -12.36
CA ALA A 27 -6.65 -14.02 -11.53
C ALA A 27 -5.53 -14.67 -12.34
N GLU A 28 -5.68 -14.74 -13.65
CA GLU A 28 -4.62 -15.34 -14.45
C GLU A 28 -3.60 -14.32 -14.96
N ASN A 29 -2.38 -14.78 -15.19
CA ASN A 29 -1.30 -13.88 -15.59
C ASN A 29 -1.68 -13.10 -16.85
N ALA A 30 -2.40 -13.78 -17.75
CA ALA A 30 -2.83 -13.17 -19.01
C ALA A 30 -3.59 -11.87 -18.77
N TYR A 31 -4.18 -11.72 -17.59
CA TYR A 31 -5.03 -10.56 -17.34
C TYR A 31 -4.23 -9.25 -17.38
N ALA A 32 -2.96 -9.33 -16.98
CA ALA A 32 -2.11 -8.16 -16.95
C ALA A 32 -1.96 -7.56 -18.35
N ASP A 33 -1.61 -8.39 -19.33
CA ASP A 33 -1.38 -7.88 -20.68
C ASP A 33 -2.69 -7.41 -21.31
N TYR A 34 -3.79 -8.09 -20.97
CA TYR A 34 -5.12 -7.69 -21.42
C TYR A 34 -5.38 -6.26 -20.99
N VAL A 35 -5.13 -5.98 -19.70
CA VAL A 35 -5.38 -4.67 -19.13
C VAL A 35 -4.60 -3.59 -19.87
N LEU A 36 -3.32 -3.85 -20.11
CA LEU A 36 -2.46 -2.88 -20.78
C LEU A 36 -2.88 -2.65 -22.23
N ASP A 37 -3.18 -3.73 -22.94
CA ASP A 37 -3.61 -3.64 -24.33
C ASP A 37 -4.88 -2.81 -24.45
N ILE A 38 -5.87 -3.13 -23.62
CA ILE A 38 -7.13 -2.40 -23.62
C ILE A 38 -6.94 -0.96 -23.11
N GLY A 39 -6.04 -0.80 -22.14
CA GLY A 39 -5.82 0.50 -21.54
C GLY A 39 -5.17 1.49 -22.49
N LYS A 40 -4.33 0.98 -23.41
CA LYS A 40 -3.67 1.83 -24.38
C LYS A 40 -4.60 2.33 -25.47
N ARG A 41 -5.80 1.78 -25.58
CA ARG A 41 -6.70 2.18 -26.65
C ARG A 41 -7.23 3.59 -26.45
N ILE A 42 -7.46 3.96 -25.19
CA ILE A 42 -7.87 5.31 -24.86
C ILE A 42 -6.92 5.89 -23.83
N PRO A 43 -5.78 6.42 -24.29
CA PRO A 43 -4.79 7.05 -23.42
C PRO A 43 -5.33 8.29 -22.71
N LEU A 44 -4.80 8.57 -21.53
CA LEU A 44 -5.15 9.81 -20.86
C LEU A 44 -4.55 10.99 -21.64
N SER A 45 -5.37 11.95 -22.00
CA SER A 45 -4.86 13.19 -22.58
C SER A 45 -4.07 13.92 -21.49
N ALA A 46 -3.27 14.91 -21.88
CA ALA A 46 -2.50 15.67 -20.91
C ALA A 46 -3.42 16.35 -19.91
N ALA A 47 -4.57 16.81 -20.38
CA ALA A 47 -5.57 17.43 -19.49
C ALA A 47 -6.21 16.38 -18.59
N ASP A 48 -6.49 15.22 -19.17
CA ASP A 48 -7.00 14.08 -18.41
C ASP A 48 -6.05 13.74 -17.28
N LEU A 49 -4.76 13.67 -17.60
CA LEU A 49 -3.76 13.27 -16.65
C LEU A 49 -3.65 14.33 -15.57
N SER A 50 -3.69 15.58 -16.00
CA SER A 50 -3.65 16.71 -15.11
C SER A 50 -4.75 16.62 -14.06
N ASN A 51 -5.96 16.30 -14.52
CA ASN A 51 -7.10 16.17 -13.61
C ASN A 51 -6.99 14.96 -12.69
N VAL A 52 -6.46 13.85 -13.21
CA VAL A 52 -6.23 12.67 -12.37
C VAL A 52 -5.22 13.01 -11.27
N TYR A 53 -4.15 13.67 -11.69
CA TYR A 53 -3.11 14.14 -10.79
C TYR A 53 -3.72 14.92 -9.63
N GLU A 54 -4.61 15.85 -9.95
CA GLU A 54 -5.27 16.65 -8.93
C GLU A 54 -6.16 15.80 -8.03
N SER A 55 -6.84 14.82 -8.60
CA SER A 55 -7.77 14.03 -7.79
C SER A 55 -6.98 13.18 -6.79
N VAL A 56 -5.82 12.68 -7.19
CA VAL A 56 -4.96 11.91 -6.28
C VAL A 56 -4.45 12.79 -5.14
N ILE A 57 -4.04 14.00 -5.46
CA ILE A 57 -3.51 14.87 -4.40
C ILE A 57 -4.59 15.10 -3.36
N ARG A 58 -5.81 15.35 -3.82
CA ARG A 58 -6.96 15.58 -2.95
C ARG A 58 -7.29 14.33 -2.14
N ALA A 59 -7.30 13.19 -2.80
CA ALA A 59 -7.58 11.91 -2.15
C ALA A 59 -6.58 11.63 -1.04
N VAL A 60 -5.31 11.86 -1.32
CA VAL A 60 -4.29 11.54 -0.35
C VAL A 60 -4.38 12.51 0.82
N HIS A 61 -4.62 13.78 0.52
CA HIS A 61 -4.75 14.77 1.58
C HIS A 61 -5.94 14.41 2.48
N ASP A 62 -7.03 13.97 1.88
CA ASP A 62 -8.21 13.57 2.65
C ASP A 62 -8.00 12.24 3.40
N SER A 63 -6.88 11.58 3.15
CA SER A 63 -6.60 10.30 3.83
C SER A 63 -5.88 10.48 5.17
N ARG A 64 -5.49 11.72 5.46
CA ARG A 64 -4.74 12.02 6.68
C ARG A 64 -5.33 11.42 7.95
N SER A 65 -6.65 11.50 8.09
CA SER A 65 -7.27 11.06 9.33
C SER A 65 -7.10 9.56 9.54
N ARG A 66 -6.68 8.85 8.49
CA ARG A 66 -6.48 7.40 8.61
C ARG A 66 -5.05 6.93 8.37
N LEU A 67 -4.11 7.88 8.30
CA LEU A 67 -2.70 7.53 8.17
C LEU A 67 -1.91 7.87 9.43
N ILE A 68 -0.81 7.16 9.66
CA ILE A 68 -0.10 7.28 10.93
C ILE A 68 0.61 8.62 11.12
N ASP A 69 1.09 9.20 10.03
CA ASP A 69 1.86 10.43 10.15
C ASP A 69 1.96 11.17 8.83
N GLN A 70 2.43 12.42 8.89
CA GLN A 70 2.60 13.25 7.70
C GLN A 70 3.58 12.61 6.72
N HIS A 71 4.64 12.00 7.25
CA HIS A 71 5.59 11.31 6.38
C HIS A 71 4.92 10.30 5.46
N THR A 72 4.00 9.50 6.02
CA THR A 72 3.33 8.49 5.23
C THR A 72 2.37 9.14 4.22
N VAL A 73 1.69 10.21 4.64
CA VAL A 73 0.89 10.98 3.70
C VAL A 73 1.72 11.44 2.50
N ASP A 74 2.88 12.03 2.76
CA ASP A 74 3.72 12.54 1.68
C ASP A 74 4.17 11.40 0.76
N MET A 75 4.60 10.28 1.35
CA MET A 75 5.19 9.17 0.59
C MET A 75 4.15 8.49 -0.30
N ILE A 76 2.93 8.35 0.20
CA ILE A 76 1.88 7.80 -0.62
C ILE A 76 1.66 8.72 -1.81
N GLY A 77 1.53 10.01 -1.54
CA GLY A 77 1.36 11.00 -2.58
C GLY A 77 2.50 10.96 -3.60
N ASN A 78 3.72 11.00 -3.10
CA ASN A 78 4.88 10.99 -3.99
C ASN A 78 4.91 9.76 -4.87
N THR A 79 4.53 8.63 -4.27
CA THR A 79 4.64 7.35 -4.93
C THR A 79 3.61 7.22 -6.05
N VAL A 80 2.36 7.56 -5.76
CA VAL A 80 1.31 7.48 -6.77
C VAL A 80 1.52 8.50 -7.89
N LEU A 81 1.83 9.73 -7.53
CA LEU A 81 2.08 10.76 -8.52
C LEU A 81 3.30 10.47 -9.39
N ASP A 82 4.36 9.94 -8.79
CA ASP A 82 5.53 9.58 -9.58
C ASP A 82 5.16 8.48 -10.59
N ALA A 83 4.35 7.52 -10.14
CA ALA A 83 3.96 6.41 -10.99
C ALA A 83 3.14 6.95 -12.16
N LEU A 84 2.21 7.87 -11.87
CA LEU A 84 1.42 8.52 -12.93
C LEU A 84 2.28 9.31 -13.90
N SER A 85 3.31 9.99 -13.37
CA SER A 85 4.15 10.84 -14.21
C SER A 85 5.11 10.06 -15.11
N ARG A 86 5.64 8.96 -14.59
CA ARG A 86 6.81 8.36 -15.20
C ARG A 86 6.62 6.91 -15.68
N SER A 87 5.48 6.31 -15.36
CA SER A 87 5.26 4.93 -15.73
C SER A 87 4.11 4.81 -16.73
N GLN A 88 4.43 4.45 -17.97
CA GLN A 88 3.41 4.26 -18.99
C GLN A 88 2.48 3.13 -18.58
N THR A 89 3.03 2.13 -17.91
CA THR A 89 2.25 0.99 -17.47
C THR A 89 1.21 1.39 -16.45
N PHE A 90 1.61 2.19 -15.47
CA PHE A 90 0.66 2.65 -14.48
C PHE A 90 -0.42 3.51 -15.13
N ARG A 91 -0.03 4.38 -16.06
CA ARG A 91 -1.00 5.22 -16.76
C ARG A 91 -1.98 4.39 -17.59
N ASP A 92 -1.48 3.32 -18.20
CA ASP A 92 -2.34 2.40 -18.94
C ASP A 92 -3.27 1.66 -18.00
N ALA A 93 -2.76 1.20 -16.85
CA ALA A 93 -3.63 0.52 -15.90
C ALA A 93 -4.69 1.49 -15.39
N VAL A 94 -4.28 2.71 -15.10
CA VAL A 94 -5.21 3.70 -14.57
C VAL A 94 -6.27 4.07 -15.60
N SER A 95 -5.83 4.23 -16.83
CA SER A 95 -6.76 4.60 -17.90
C SER A 95 -7.68 3.43 -18.17
N TYR A 96 -7.18 2.21 -18.00
CA TYR A 96 -8.05 1.07 -18.21
C TYR A 96 -9.22 1.15 -17.24
N GLY A 97 -8.90 1.44 -15.99
CA GLY A 97 -9.92 1.45 -14.95
C GLY A 97 -10.93 2.53 -15.21
N ILE A 98 -10.47 3.69 -15.62
CA ILE A 98 -11.37 4.81 -15.88
C ILE A 98 -12.34 4.50 -17.02
N HIS A 99 -11.86 3.85 -18.07
CA HIS A 99 -12.66 3.63 -19.26
C HIS A 99 -13.37 2.27 -19.31
N ASN A 100 -13.07 1.38 -18.38
CA ASN A 100 -13.66 0.06 -18.41
C ASN A 100 -14.30 -0.36 -17.08
N GLU A 101 -14.88 0.62 -16.40
CA GLU A 101 -15.79 0.35 -15.30
C GLU A 101 -15.14 -0.26 -14.05
N LYS A 102 -13.88 0.10 -13.80
CA LYS A 102 -13.24 -0.26 -12.54
C LYS A 102 -13.17 1.00 -11.68
N VAL A 103 -12.19 1.06 -10.78
CA VAL A 103 -12.06 2.23 -9.91
C VAL A 103 -11.23 3.35 -10.56
N HIS A 104 -11.76 4.57 -10.51
CA HIS A 104 -11.01 5.76 -10.86
C HIS A 104 -10.04 6.02 -9.72
N ILE A 105 -8.76 6.16 -10.04
CA ILE A 105 -7.74 6.22 -9.00
C ILE A 105 -7.96 7.37 -8.01
N GLY A 106 -8.52 8.47 -8.49
CA GLY A 106 -8.84 9.59 -7.63
C GLY A 106 -9.88 9.30 -6.54
N CYS A 107 -10.62 8.21 -6.67
CA CYS A 107 -11.61 7.85 -5.65
C CYS A 107 -10.99 7.10 -4.47
N ILE A 108 -9.77 6.60 -4.65
CA ILE A 108 -9.15 5.77 -3.63
C ILE A 108 -8.58 6.57 -2.45
N LYS A 109 -8.96 6.20 -1.22
CA LYS A 109 -8.37 6.79 0.00
C LYS A 109 -7.43 5.77 0.63
N TYR A 110 -6.57 6.21 1.55
CA TYR A 110 -5.52 5.37 2.08
C TYR A 110 -5.59 5.24 3.59
N ARG A 111 -5.21 4.07 4.12
CA ARG A 111 -5.23 3.82 5.57
C ARG A 111 -4.03 3.02 6.01
N ASN A 112 -3.67 3.13 7.29
CA ASN A 112 -2.64 2.28 7.88
C ASN A 112 -3.23 1.37 8.95
N GLU A 113 -4.07 0.41 8.55
CA GLU A 113 -4.69 -0.49 9.53
C GLU A 113 -3.75 -1.62 9.89
N TYR A 114 -3.66 -1.90 11.19
CA TYR A 114 -2.83 -3.00 11.67
C TYR A 114 -3.65 -3.99 12.44
N GLU A 115 -3.02 -5.11 12.77
CA GLU A 115 -3.70 -6.23 13.41
C GLU A 115 -2.73 -6.92 14.34
N LEU A 116 -3.20 -7.23 15.55
CA LEU A 116 -2.42 -7.99 16.50
C LEU A 116 -2.11 -9.37 15.95
N ASN A 117 -0.86 -9.81 16.11
CA ASN A 117 -0.46 -11.13 15.68
C ASN A 117 -0.79 -12.15 16.76
N GLU A 118 -1.50 -13.20 16.39
CA GLU A 118 -1.96 -14.18 17.36
C GLU A 118 -0.84 -15.02 17.99
N GLU A 119 0.16 -15.35 17.20
CA GLU A 119 1.24 -16.22 17.67
C GLU A 119 2.17 -15.52 18.66
N SER A 120 2.09 -14.18 18.71
CA SER A 120 3.01 -13.40 19.52
C SER A 120 2.89 -13.74 21.00
N SER A 121 4.04 -13.83 21.66
CA SER A 121 4.08 -14.01 23.10
C SER A 121 3.81 -12.68 23.80
N VAL A 122 3.97 -11.59 23.05
CA VAL A 122 3.78 -10.25 23.60
C VAL A 122 2.49 -10.18 24.39
N LYS A 123 2.55 -9.54 25.55
CA LYS A 123 1.38 -9.46 26.42
C LYS A 123 0.78 -8.05 26.43
N ILE A 124 -0.11 -7.82 25.47
CA ILE A 124 -0.82 -6.56 25.37
C ILE A 124 -2.25 -6.81 24.90
N ASP A 125 -3.18 -6.08 25.49
CA ASP A 125 -4.59 -6.21 25.16
C ASP A 125 -4.92 -5.56 23.82
N ASP A 126 -4.12 -4.59 23.41
CA ASP A 126 -4.43 -3.81 22.21
C ASP A 126 -3.20 -3.11 21.64
N ILE A 127 -3.34 -2.66 20.41
CA ILE A 127 -2.28 -1.91 19.73
C ILE A 127 -1.93 -0.63 20.48
N GLN A 128 -2.94 -0.01 21.09
CA GLN A 128 -2.76 1.22 21.86
C GLN A 128 -1.74 1.08 22.99
N SER A 129 -1.58 -0.15 23.46
CA SER A 129 -0.74 -0.42 24.63
C SER A 129 0.67 -0.78 24.25
N LEU A 130 0.91 -0.98 22.96
CA LEU A 130 2.22 -1.37 22.47
C LEU A 130 3.28 -0.32 22.84
N THR A 131 4.51 -0.77 23.00
CA THR A 131 5.64 0.14 23.19
C THR A 131 6.73 -0.12 22.16
N CYS A 132 7.56 0.89 21.93
CA CYS A 132 8.69 0.77 21.03
C CYS A 132 9.49 -0.48 21.41
N ASN A 133 9.66 -0.70 22.71
CA ASN A 133 10.43 -1.83 23.20
C ASN A 133 9.96 -3.18 22.66
N GLU A 134 8.70 -3.50 22.87
CA GLU A 134 8.18 -4.80 22.45
C GLU A 134 8.25 -4.96 20.94
N LEU A 135 8.41 -3.84 20.24
CA LEU A 135 8.51 -3.86 18.80
C LEU A 135 9.90 -4.34 18.38
N TYR A 136 10.91 -3.94 19.15
CA TYR A 136 12.30 -4.24 18.80
C TYR A 136 12.81 -5.51 19.44
N GLU A 137 12.05 -6.05 20.38
CA GLU A 137 12.46 -7.26 21.08
C GLU A 137 11.91 -8.51 20.41
N TYR A 138 11.51 -8.39 19.15
CA TYR A 138 10.97 -9.54 18.41
C TYR A 138 11.30 -9.46 16.93
N ASP A 139 11.89 -10.54 16.42
CA ASP A 139 12.18 -10.66 14.99
C ASP A 139 10.98 -11.19 14.23
N VAL A 140 11.09 -11.26 12.90
CA VAL A 140 10.04 -11.84 12.07
C VAL A 140 9.68 -13.24 12.57
N GLY A 141 8.38 -13.51 12.64
CA GLY A 141 7.90 -14.79 13.15
C GLY A 141 7.11 -14.61 14.43
N GLN A 142 7.55 -13.69 15.27
CA GLN A 142 6.88 -13.46 16.55
C GLN A 142 6.58 -11.98 16.80
N GLU A 143 6.63 -11.17 15.75
CA GLU A 143 6.39 -9.74 15.91
C GLU A 143 4.96 -9.49 16.35
N PRO A 144 4.77 -8.45 17.18
CA PRO A 144 3.51 -8.17 17.90
C PRO A 144 2.33 -7.82 16.99
N ILE A 145 2.56 -7.09 15.90
CA ILE A 145 1.49 -6.69 15.00
C ILE A 145 1.90 -6.77 13.54
N PHE A 146 0.88 -6.80 12.67
CA PHE A 146 1.02 -6.94 11.24
C PHE A 146 0.24 -5.82 10.55
N PRO A 147 0.80 -5.24 9.49
CA PRO A 147 -0.10 -4.31 8.80
C PRO A 147 -1.14 -5.09 8.03
N ILE A 148 -2.29 -4.48 7.81
CA ILE A 148 -3.25 -5.04 6.86
C ILE A 148 -3.03 -4.41 5.50
N CYS A 149 -2.63 -5.23 4.53
CA CYS A 149 -2.36 -4.75 3.18
C CYS A 149 -3.43 -5.29 2.25
N GLU A 150 -4.33 -4.41 1.79
CA GLU A 150 -5.50 -4.86 1.06
C GLU A 150 -6.17 -3.73 0.29
N ALA A 151 -6.80 -4.09 -0.82
CA ALA A 151 -7.69 -3.17 -1.50
C ALA A 151 -9.09 -3.53 -1.04
N GLY A 152 -9.68 -2.69 -0.21
CA GLY A 152 -11.03 -2.94 0.28
C GLY A 152 -12.00 -1.83 -0.08
N GLU A 153 -13.24 -1.96 0.37
CA GLU A 153 -14.25 -0.92 0.22
C GLU A 153 -14.92 -0.71 1.57
N ASN A 154 -15.26 0.53 1.89
CA ASN A 154 -15.96 0.82 3.14
C ASN A 154 -17.45 0.55 3.04
N ASP A 155 -18.19 1.04 4.04
CA ASP A 155 -19.63 0.87 4.13
C ASP A 155 -20.34 1.45 2.91
N ASN A 156 -19.99 2.67 2.54
CA ASN A 156 -20.60 3.33 1.39
C ASN A 156 -20.00 2.85 0.06
N GLU A 157 -19.27 1.75 0.12
CA GLU A 157 -18.74 1.13 -1.09
C GLU A 157 -17.62 1.96 -1.73
N GLU A 158 -17.03 2.87 -0.95
CA GLU A 158 -15.91 3.67 -1.42
C GLU A 158 -14.59 2.92 -1.27
N PRO A 159 -13.76 2.91 -2.31
CA PRO A 159 -12.55 2.08 -2.30
C PRO A 159 -11.44 2.69 -1.45
N TYR A 160 -10.75 1.85 -0.69
CA TYR A 160 -9.57 2.28 0.04
C TYR A 160 -8.44 1.25 -0.08
N VAL A 161 -7.22 1.71 0.19
CA VAL A 161 -6.09 0.83 0.27
C VAL A 161 -5.53 0.95 1.67
N SER A 162 -5.45 -0.17 2.38
CA SER A 162 -4.74 -0.23 3.64
C SER A 162 -3.37 -0.81 3.36
N PHE A 163 -2.38 -0.27 4.03
CA PHE A 163 -1.00 -0.65 3.76
C PHE A 163 -0.11 -0.25 4.93
N SER A 164 1.04 -0.88 5.01
CA SER A 164 2.09 -0.55 5.98
C SER A 164 2.32 0.96 6.12
N VAL A 165 2.66 1.41 7.32
CA VAL A 165 3.14 2.77 7.48
C VAL A 165 4.36 2.91 6.56
N ALA A 166 4.71 4.14 6.21
CA ALA A 166 5.89 4.34 5.36
C ALA A 166 7.20 4.23 6.12
N PRO A 167 8.18 3.54 5.53
CA PRO A 167 9.53 3.49 6.09
C PRO A 167 10.20 4.84 5.92
N ASP A 168 11.37 5.02 6.52
CA ASP A 168 12.08 6.28 6.42
C ASP A 168 12.48 6.58 4.99
N THR A 169 12.60 7.86 4.66
CA THR A 169 13.16 8.23 3.37
C THR A 169 14.56 7.60 3.30
N ASP A 170 14.89 7.08 2.14
CA ASP A 170 16.23 6.55 1.90
C ASP A 170 16.47 5.18 2.56
N SER A 171 15.44 4.63 3.19
CA SER A 171 15.55 3.31 3.81
C SER A 171 15.68 2.23 2.74
N TYR A 172 16.26 1.09 3.12
CA TYR A 172 16.28 -0.08 2.26
C TYR A 172 14.86 -0.43 1.84
N GLU A 173 13.93 -0.27 2.77
CA GLU A 173 12.56 -0.72 2.56
C GLU A 173 11.74 0.10 1.57
N MET A 174 12.20 1.32 1.27
CA MET A 174 11.36 2.24 0.49
C MET A 174 10.86 1.68 -0.87
N PRO A 175 11.78 1.23 -1.75
CA PRO A 175 11.24 0.79 -3.06
C PRO A 175 10.27 -0.38 -2.94
N SER A 176 10.54 -1.30 -2.04
CA SER A 176 9.65 -2.44 -1.90
C SER A 176 8.29 -1.96 -1.39
N TRP A 177 8.32 -1.01 -0.47
CA TRP A 177 7.08 -0.42 0.08
C TRP A 177 6.27 0.25 -1.03
N GLN A 178 6.96 1.00 -1.89
CA GLN A 178 6.31 1.70 -2.98
C GLN A 178 5.69 0.72 -3.97
N GLU A 179 6.43 -0.34 -4.29
CA GLU A 179 5.94 -1.32 -5.25
C GLU A 179 4.70 -2.02 -4.69
N GLY A 180 4.72 -2.29 -3.39
CA GLY A 180 3.61 -2.91 -2.68
C GLY A 180 2.38 -2.03 -2.63
N LEU A 181 2.59 -0.73 -2.45
CA LEU A 181 1.49 0.22 -2.46
C LEU A 181 0.84 0.26 -3.85
N ILE A 182 1.66 0.28 -4.89
CA ILE A 182 1.18 0.30 -6.28
C ILE A 182 0.37 -0.97 -6.55
N HIS A 183 0.87 -2.07 -6.03
CA HIS A 183 0.19 -3.35 -6.12
C HIS A 183 -1.25 -3.24 -5.64
N GLU A 184 -1.46 -2.64 -4.47
CA GLU A 184 -2.81 -2.59 -3.92
C GLU A 184 -3.71 -1.70 -4.77
N ILE A 185 -3.18 -0.59 -5.24
CA ILE A 185 -3.95 0.30 -6.09
C ILE A 185 -4.36 -0.43 -7.37
N ILE A 186 -3.46 -1.23 -7.91
CA ILE A 186 -3.74 -1.94 -9.15
C ILE A 186 -4.94 -2.87 -9.00
N HIS A 187 -5.05 -3.54 -7.84
CA HIS A 187 -6.26 -4.31 -7.55
C HIS A 187 -7.50 -3.48 -7.88
N HIS A 188 -7.55 -2.25 -7.34
CA HIS A 188 -8.72 -1.41 -7.53
C HIS A 188 -8.89 -0.94 -8.96
N VAL A 189 -7.85 -0.36 -9.54
CA VAL A 189 -8.02 0.30 -10.82
C VAL A 189 -8.11 -0.67 -12.00
N THR A 190 -7.69 -1.90 -11.83
CA THR A 190 -7.81 -2.86 -12.93
C THR A 190 -8.77 -4.02 -12.60
N GLY A 191 -9.14 -4.16 -11.33
CA GLY A 191 -9.92 -5.31 -10.90
C GLY A 191 -9.17 -6.64 -10.96
N SER A 192 -7.85 -6.57 -11.11
CA SER A 192 -7.00 -7.76 -11.14
C SER A 192 -6.97 -8.41 -9.75
N SER A 193 -6.70 -9.72 -9.72
CA SER A 193 -6.56 -10.47 -8.46
C SER A 193 -5.13 -11.00 -8.28
N ASP A 194 -4.89 -11.67 -7.18
CA ASP A 194 -3.64 -12.40 -6.98
C ASP A 194 -3.94 -13.87 -7.33
N PRO A 195 -2.91 -14.73 -7.40
CA PRO A 195 -3.18 -16.12 -7.83
C PRO A 195 -4.17 -16.79 -6.89
N SER A 196 -5.02 -17.65 -7.42
CA SER A 196 -6.08 -18.29 -6.62
C SER A 196 -5.52 -19.30 -5.63
N GLY A 197 -4.51 -20.05 -6.06
CA GLY A 197 -3.79 -20.92 -5.16
C GLY A 197 -2.46 -20.28 -4.79
N ASP A 198 -1.83 -20.80 -3.74
CA ASP A 198 -0.53 -20.28 -3.32
C ASP A 198 0.56 -20.85 -4.23
N SER A 199 1.32 -19.96 -4.86
CA SER A 199 2.24 -20.39 -5.89
C SER A 199 3.67 -19.87 -5.64
N ASN A 200 4.64 -20.66 -6.08
CA ASN A 200 6.04 -20.24 -6.01
C ASN A 200 6.57 -19.89 -7.39
N ILE A 201 5.72 -20.06 -8.40
CA ILE A 201 6.16 -19.89 -9.78
C ILE A 201 5.33 -18.89 -10.56
N GLU A 202 4.16 -18.52 -10.04
CA GLU A 202 3.41 -17.44 -10.67
C GLU A 202 3.12 -16.25 -9.73
N LEU A 203 3.24 -15.05 -10.29
CA LEU A 203 3.04 -13.84 -9.51
C LEU A 203 1.59 -13.39 -9.49
N GLY A 204 0.84 -13.75 -10.52
CA GLY A 204 -0.51 -13.22 -10.65
C GLY A 204 -0.44 -11.89 -11.38
N PRO A 205 -1.57 -11.47 -11.98
CA PRO A 205 -1.50 -10.29 -12.84
C PRO A 205 -1.29 -9.00 -12.06
N THR A 206 -1.85 -8.89 -10.86
CA THR A 206 -1.62 -7.68 -10.06
C THR A 206 -0.14 -7.44 -9.80
N GLU A 207 0.54 -8.44 -9.27
CA GLU A 207 1.97 -8.31 -9.00
C GLU A 207 2.77 -8.12 -10.29
N ILE A 208 2.40 -8.83 -11.35
CA ILE A 208 3.06 -8.63 -12.64
C ILE A 208 3.05 -7.14 -13.04
N LEU A 209 1.87 -6.52 -13.02
CA LEU A 209 1.75 -5.10 -13.34
C LEU A 209 2.56 -4.22 -12.38
N ALA A 210 2.48 -4.53 -11.09
CA ALA A 210 3.18 -3.70 -10.11
C ALA A 210 4.70 -3.77 -10.34
N ARG A 211 5.17 -4.97 -10.66
CA ARG A 211 6.59 -5.15 -10.98
C ARG A 211 7.03 -4.39 -12.22
N ARG A 212 6.16 -4.33 -13.22
CA ARG A 212 6.48 -3.55 -14.42
C ARG A 212 6.57 -2.06 -14.10
N VAL A 213 5.67 -1.61 -13.24
CA VAL A 213 5.67 -0.22 -12.84
C VAL A 213 6.97 0.07 -12.09
N ALA A 214 7.32 -0.82 -11.16
CA ALA A 214 8.55 -0.65 -10.38
C ALA A 214 9.77 -0.59 -11.29
N GLN A 215 9.79 -1.45 -12.30
CA GLN A 215 10.90 -1.47 -13.25
C GLN A 215 10.97 -0.13 -14.02
N GLU A 216 9.82 0.39 -14.43
CA GLU A 216 9.80 1.65 -15.16
C GLU A 216 10.25 2.84 -14.30
N LEU A 217 10.00 2.77 -13.00
CA LEU A 217 10.32 3.90 -12.12
C LEU A 217 11.70 3.76 -11.47
N GLY A 218 12.37 2.65 -11.72
CA GLY A 218 13.68 2.40 -11.11
C GLY A 218 13.63 2.07 -9.63
N TRP A 219 12.53 1.48 -9.17
CA TRP A 219 12.46 1.04 -7.79
C TRP A 219 13.10 -0.35 -7.71
N SER A 220 14.16 -0.49 -6.93
CA SER A 220 14.84 -1.78 -6.87
C SER A 220 14.15 -2.75 -5.93
N VAL A 221 13.50 -3.77 -6.49
CA VAL A 221 12.84 -4.76 -5.68
C VAL A 221 13.39 -6.15 -6.02
N PRO A 222 13.32 -7.09 -5.07
CA PRO A 222 13.87 -8.42 -5.35
C PRO A 222 13.11 -9.09 -6.49
N ASP A 223 13.80 -9.93 -7.24
CA ASP A 223 13.23 -10.58 -8.42
C ASP A 223 12.57 -11.88 -8.01
N PHE A 224 11.38 -11.80 -7.43
CA PHE A 224 10.66 -13.00 -7.00
C PHE A 224 9.86 -13.64 -8.15
N LYS A 225 9.71 -14.95 -8.09
CA LYS A 225 9.01 -15.70 -9.14
C LYS A 225 7.53 -15.96 -8.80
N GLY A 226 7.23 -16.19 -7.54
CA GLY A 226 5.87 -16.51 -7.10
C GLY A 226 5.34 -15.58 -6.01
N TYR A 227 4.03 -15.32 -6.03
CA TYR A 227 3.42 -14.41 -5.05
C TYR A 227 3.60 -14.93 -3.64
N ALA A 228 3.59 -16.25 -3.49
CA ALA A 228 3.62 -16.88 -2.17
C ALA A 228 4.96 -17.60 -1.90
N GLU A 229 5.98 -17.23 -2.67
CA GLU A 229 7.32 -17.81 -2.50
C GLU A 229 7.77 -17.50 -1.06
N PRO A 230 8.34 -18.49 -0.36
CA PRO A 230 8.78 -18.26 1.02
C PRO A 230 9.74 -17.06 1.17
N GLU A 231 10.65 -16.87 0.23
CA GLU A 231 11.57 -15.74 0.29
C GLU A 231 10.81 -14.43 0.15
N ARG A 232 9.77 -14.44 -0.67
CA ARG A 232 8.97 -13.23 -0.84
C ARG A 232 8.21 -12.94 0.46
N GLU A 233 7.63 -14.00 1.04
CA GLU A 233 6.86 -13.85 2.27
C GLU A 233 7.73 -13.30 3.40
N ALA A 234 8.94 -13.85 3.52
CA ALA A 234 9.91 -13.41 4.50
C ALA A 234 10.34 -11.96 4.25
N HIS A 235 10.63 -11.64 3.00
CA HIS A 235 10.97 -10.27 2.62
C HIS A 235 9.90 -9.27 3.05
N LEU A 236 8.64 -9.54 2.69
CA LEU A 236 7.53 -8.65 3.03
C LEU A 236 7.35 -8.46 4.53
N ARG A 237 7.44 -9.57 5.26
CA ARG A 237 7.24 -9.52 6.68
C ARG A 237 8.32 -8.64 7.31
N LEU A 238 9.55 -8.79 6.83
CA LEU A 238 10.68 -8.08 7.42
C LEU A 238 10.64 -6.60 7.00
N ARG A 239 10.22 -6.34 5.77
CA ARG A 239 10.01 -4.97 5.32
C ARG A 239 8.98 -4.25 6.19
N ASN A 240 7.87 -4.95 6.46
CA ASN A 240 6.80 -4.39 7.27
C ASN A 240 7.26 -4.10 8.69
N LEU A 241 8.00 -5.05 9.28
CA LEU A 241 8.48 -4.89 10.65
C LEU A 241 9.43 -3.70 10.73
N ASN A 242 10.32 -3.60 9.76
CA ASN A 242 11.25 -2.49 9.72
C ASN A 242 10.61 -1.15 9.44
N ALA A 243 9.65 -1.12 8.52
CA ALA A 243 8.91 0.11 8.28
C ALA A 243 8.24 0.59 9.57
N LEU A 244 7.66 -0.34 10.31
CA LEU A 244 6.99 0.00 11.56
C LEU A 244 7.97 0.49 12.64
N ARG A 245 9.12 -0.18 12.77
CA ARG A 245 10.14 0.24 13.71
C ARG A 245 10.64 1.64 13.39
N GLN A 246 10.85 1.89 12.10
CA GLN A 246 11.31 3.20 11.65
C GLN A 246 10.27 4.29 11.93
N ALA A 247 9.02 4.00 11.61
CA ALA A 247 7.93 4.93 11.86
C ALA A 247 7.85 5.25 13.36
N ALA A 248 7.95 4.22 14.20
CA ALA A 248 7.93 4.44 15.65
C ALA A 248 9.09 5.33 16.07
N MET A 249 10.28 5.03 15.56
CA MET A 249 11.45 5.80 15.92
C MET A 249 11.30 7.28 15.49
N ARG A 250 10.63 7.52 14.37
CA ARG A 250 10.36 8.90 13.95
C ARG A 250 9.59 9.67 15.01
N HIS A 251 8.82 8.97 15.84
CA HIS A 251 7.96 9.60 16.83
C HIS A 251 8.34 9.11 18.22
N GLU A 252 9.64 8.89 18.39
CA GLU A 252 10.20 8.37 19.63
C GLU A 252 9.74 9.16 20.86
N GLU A 253 9.72 10.49 20.75
CA GLU A 253 9.33 11.37 21.85
C GLU A 253 7.83 11.29 22.15
N ASN A 254 7.07 10.77 21.19
CA ASN A 254 5.61 10.69 21.28
C ASN A 254 5.15 9.25 21.16
N GLU A 255 5.80 8.36 21.89
CA GLU A 255 5.58 6.93 21.71
C GLU A 255 4.14 6.55 21.97
N ARG A 256 3.58 7.03 23.07
CA ARG A 256 2.20 6.69 23.38
C ARG A 256 1.26 7.19 22.31
N ALA A 257 1.48 8.42 21.86
CA ALA A 257 0.66 9.03 20.82
C ALA A 257 0.71 8.23 19.52
N PHE A 258 1.89 7.68 19.24
CA PHE A 258 2.08 6.94 18.00
C PHE A 258 1.23 5.69 18.02
N PHE A 259 1.39 4.88 19.07
CA PHE A 259 0.63 3.64 19.12
C PHE A 259 -0.86 3.86 19.34
N GLU A 260 -1.22 4.93 20.01
CA GLU A 260 -2.63 5.22 20.19
C GLU A 260 -3.27 5.54 18.84
N ARG A 261 -2.55 6.29 18.01
CA ARG A 261 -3.06 6.65 16.70
C ARG A 261 -3.16 5.42 15.78
N LEU A 262 -2.16 4.55 15.86
CA LEU A 262 -2.15 3.35 15.04
C LEU A 262 -3.33 2.48 15.43
N GLY A 263 -3.63 2.43 16.72
CA GLY A 263 -4.79 1.69 17.22
C GLY A 263 -6.09 2.34 16.79
N THR A 264 -6.19 3.66 16.88
CA THR A 264 -7.40 4.36 16.49
C THR A 264 -7.74 4.01 15.05
N ILE A 265 -6.72 4.09 14.21
CA ILE A 265 -6.90 3.82 12.79
C ILE A 265 -7.26 2.34 12.58
N SER A 266 -6.62 1.47 13.35
CA SER A 266 -6.86 0.03 13.22
C SER A 266 -8.25 -0.35 13.68
N ASP A 267 -8.82 0.45 14.58
CA ASP A 267 -10.17 0.24 15.05
C ASP A 267 -11.17 0.88 14.07
N ARG A 268 -10.64 1.45 12.99
CA ARG A 268 -11.44 2.15 11.97
C ARG A 268 -12.13 3.43 12.44
N TYR A 269 -11.44 4.20 13.27
CA TYR A 269 -11.90 5.53 13.63
C TYR A 269 -10.98 6.55 13.00
N GLU A 270 -11.41 7.80 13.01
CA GLU A 270 -10.63 8.89 12.47
C GLU A 270 -9.71 9.39 13.55
N ALA A 271 -8.45 9.64 13.19
CA ALA A 271 -7.54 10.32 14.08
C ALA A 271 -7.44 11.78 13.57
N SER A 272 -6.76 12.67 14.29
CA SER A 272 -6.62 14.05 13.82
C SER A 272 -6.02 14.10 12.41
N PRO A 273 -6.72 14.77 11.47
CA PRO A 273 -6.16 14.94 10.13
C PRO A 273 -4.94 15.84 10.17
N ASP A 274 -4.76 16.54 11.28
CA ASP A 274 -3.64 17.46 11.42
C ASP A 274 -2.56 16.92 12.35
N PHE A 275 -2.68 15.66 12.73
CA PHE A 275 -1.64 14.99 13.53
C PHE A 275 -1.34 15.73 14.82
N THR A 276 -2.37 16.33 15.42
CA THR A 276 -2.17 17.11 16.63
C THR A 276 -1.65 16.27 17.79
N GLU A 277 -1.76 14.95 17.68
CA GLU A 277 -1.25 14.06 18.73
C GLU A 277 0.26 14.16 18.92
N TYR A 278 0.97 14.61 17.88
CA TYR A 278 2.42 14.71 17.90
C TYR A 278 2.90 16.14 18.15
N SER A 279 1.98 17.08 18.26
CA SER A 279 2.31 18.49 18.17
C SER A 279 3.35 18.98 19.19
N ALA A 280 4.14 19.97 18.77
CA ALA A 280 5.18 20.56 19.62
C ALA A 280 4.61 21.22 20.87
ZN ZN B . -2.56 -8.53 -4.01
MG MG C . -8.78 -3.32 20.66
#